data_8TQG
#
_entry.id   8TQG
#
_cell.length_a   66.626
_cell.length_b   66.626
_cell.length_c   129.953
_cell.angle_alpha   90.000
_cell.angle_beta   90.000
_cell.angle_gamma   90.000
#
_symmetry.space_group_name_H-M   'P 41 21 2'
#
loop_
_entity.id
_entity.type
_entity.pdbx_description
1 polymer 'Polyketide synthase Pks13'
2 non-polymer N-benzyl-2-{4-[4-(4,5-dimethoxy-1H-indole-2-carbonyl)piperazine-1-carbonyl]piperidin-1-yl}-6-methylpyrimidine-4-carboxamide
3 non-polymer 'SULFATE ION'
4 water water
#
_entity_poly.entity_id   1
_entity_poly.type   'polypeptide(L)'
_entity_poly.pdbx_seq_one_letter_code
;SNAQIDGFVRTLRARPEAGGKVPVFVFHPAGGSTVVYEPLLGRLPADTPMYGFERVEGSIEERAQQYVPKLIEMQGDGPY
VLVGWSLGGVLAYACAIGLRRLGKDVRFVGLIDAVRAGEEIPQTKEEIRKRWDRYAAFAEKTFNVTIPAIPYEQLEELDD
EGQVRFVLDAVSQSGVQIPAGIIEHQRTSYLDNRAIDTAQIQPYDGHVTLYMADRYHDDAIMFEPRYAVRQPDGGWGEYV
SDLEVVPIGGEHIQAIDEPIIAKVGEHMSRALGQIEADRTSEVGKQ
;
_entity_poly.pdbx_strand_id   A
#
# COMPACT_ATOMS: atom_id res chain seq x y z
N GLN A 4 11.20 -5.25 -19.25
CA GLN A 4 10.90 -4.64 -17.95
C GLN A 4 9.62 -5.19 -17.28
N ILE A 5 8.48 -4.78 -17.82
CA ILE A 5 7.16 -4.93 -17.20
C ILE A 5 6.31 -5.79 -18.09
N ASP A 6 5.94 -6.98 -17.60
CA ASP A 6 4.96 -7.84 -18.26
C ASP A 6 3.60 -7.62 -17.58
N GLY A 7 2.62 -7.14 -18.34
CA GLY A 7 1.33 -6.76 -17.79
C GLY A 7 1.41 -5.75 -16.65
N PHE A 8 1.09 -6.18 -15.43
CA PHE A 8 1.29 -5.34 -14.25
C PHE A 8 2.43 -5.85 -13.36
N VAL A 9 3.24 -6.77 -13.86
CA VAL A 9 4.31 -7.40 -13.10
C VAL A 9 5.65 -6.81 -13.53
N ARG A 10 6.30 -6.11 -12.60
CA ARG A 10 7.62 -5.58 -12.82
C ARG A 10 8.67 -6.54 -12.30
N THR A 11 9.71 -6.78 -13.09
CA THR A 11 10.83 -7.60 -12.66
C THR A 11 11.90 -6.69 -12.06
N LEU A 12 12.14 -6.83 -10.76
CA LEU A 12 13.27 -6.17 -10.10
C LEU A 12 14.50 -7.07 -10.06
N ARG A 13 14.37 -8.33 -9.69
CA ARG A 13 15.43 -9.31 -9.91
C ARG A 13 14.79 -10.61 -10.35
N ALA A 14 15.05 -11.01 -11.58
CA ALA A 14 14.48 -12.21 -12.15
C ALA A 14 14.94 -13.46 -11.39
N ARG A 15 14.11 -14.47 -11.40
CA ARG A 15 14.49 -15.69 -10.72
C ARG A 15 15.24 -16.61 -11.69
N PRO A 16 16.18 -17.40 -11.15
CA PRO A 16 17.05 -18.21 -12.01
C PRO A 16 16.26 -19.12 -12.94
N GLU A 17 16.90 -19.48 -14.06
CA GLU A 17 16.33 -20.45 -14.98
C GLU A 17 15.81 -21.68 -14.26
N ALA A 18 16.60 -22.21 -13.34
CA ALA A 18 16.22 -23.42 -12.64
C ALA A 18 16.61 -23.26 -11.17
N GLY A 19 15.74 -23.78 -10.31
CA GLY A 19 16.01 -23.75 -8.87
C GLY A 19 16.10 -22.34 -8.34
N GLY A 20 16.99 -22.15 -7.37
CA GLY A 20 17.16 -20.85 -6.75
C GLY A 20 16.22 -20.63 -5.61
N LYS A 21 16.31 -19.43 -5.04
CA LYS A 21 15.55 -19.11 -3.85
C LYS A 21 14.09 -18.78 -4.18
N VAL A 22 13.35 -18.45 -3.13
CA VAL A 22 11.92 -18.11 -3.24
C VAL A 22 11.79 -16.65 -3.65
N PRO A 23 10.94 -16.31 -4.62
CA PRO A 23 10.76 -14.91 -4.97
C PRO A 23 10.01 -14.15 -3.90
N VAL A 24 10.35 -12.87 -3.77
CA VAL A 24 9.62 -11.94 -2.93
C VAL A 24 8.70 -11.13 -3.83
N PHE A 25 7.41 -11.10 -3.49
CA PHE A 25 6.40 -10.35 -4.21
C PHE A 25 6.14 -9.08 -3.43
N VAL A 26 6.36 -7.93 -4.07
CA VAL A 26 6.10 -6.62 -3.47
C VAL A 26 4.96 -5.98 -4.24
N PHE A 27 4.22 -5.11 -3.55
CA PHE A 27 3.07 -4.45 -4.12
C PHE A 27 3.25 -2.94 -4.03
N HIS A 28 2.70 -2.21 -5.02
CA HIS A 28 3.00 -0.78 -5.21
C HIS A 28 2.32 0.07 -4.15
N PRO A 29 2.92 1.19 -3.77
CA PRO A 29 2.23 2.17 -2.93
C PRO A 29 1.31 3.08 -3.75
N ALA A 30 0.50 3.84 -3.03
CA ALA A 30 -0.37 4.82 -3.65
C ALA A 30 0.48 5.86 -4.37
N GLY A 31 0.12 6.15 -5.61
CA GLY A 31 0.85 7.09 -6.44
C GLY A 31 2.31 6.77 -6.67
N GLY A 32 2.65 5.51 -6.94
CA GLY A 32 4.05 5.13 -7.08
C GLY A 32 4.18 3.75 -7.66
N SER A 33 5.38 3.45 -8.13
CA SER A 33 5.66 2.18 -8.77
C SER A 33 6.42 1.28 -7.81
N THR A 34 6.68 0.03 -8.21
CA THR A 34 7.39 -0.84 -7.28
C THR A 34 8.91 -0.59 -7.25
N VAL A 35 9.47 0.31 -8.06
CA VAL A 35 10.90 0.60 -7.86
C VAL A 35 11.19 1.24 -6.49
N VAL A 36 10.16 1.56 -5.71
CA VAL A 36 10.42 1.97 -4.34
C VAL A 36 11.00 0.85 -3.49
N TYR A 37 11.01 -0.39 -3.98
CA TYR A 37 11.55 -1.54 -3.25
C TYR A 37 12.98 -1.87 -3.62
N GLU A 38 13.61 -1.05 -4.48
CA GLU A 38 15.01 -1.27 -4.82
C GLU A 38 15.95 -1.14 -3.62
N PRO A 39 15.84 -0.14 -2.76
CA PRO A 39 16.64 -0.19 -1.52
C PRO A 39 16.41 -1.46 -0.72
N LEU A 40 15.14 -1.87 -0.51
CA LEU A 40 14.85 -3.11 0.23
C LEU A 40 15.58 -4.29 -0.39
N LEU A 41 15.47 -4.45 -1.71
CA LEU A 41 16.15 -5.55 -2.41
C LEU A 41 17.65 -5.53 -2.16
N GLY A 42 18.25 -4.34 -2.05
CA GLY A 42 19.67 -4.26 -1.77
C GLY A 42 20.04 -4.89 -0.45
N ARG A 43 19.19 -4.72 0.56
CA ARG A 43 19.41 -5.23 1.91
C ARG A 43 18.95 -6.67 2.12
N LEU A 44 18.75 -7.44 1.05
CA LEU A 44 18.27 -8.81 1.11
C LEU A 44 19.32 -9.77 0.58
N PRO A 45 19.24 -11.06 0.96
CA PRO A 45 20.18 -12.06 0.42
C PRO A 45 20.42 -11.94 -1.08
N ALA A 46 21.56 -12.44 -1.55
CA ALA A 46 22.06 -12.09 -2.87
C ALA A 46 21.06 -12.40 -3.97
N ASP A 47 21.01 -13.64 -4.44
CA ASP A 47 20.16 -13.92 -5.60
C ASP A 47 18.69 -14.06 -5.24
N THR A 48 18.19 -13.17 -4.38
CA THR A 48 16.77 -13.12 -4.06
C THR A 48 15.96 -12.58 -5.24
N PRO A 49 15.06 -13.35 -5.82
CA PRO A 49 14.17 -12.77 -6.83
C PRO A 49 13.19 -11.82 -6.19
N MET A 50 12.74 -10.85 -6.98
CA MET A 50 11.78 -9.87 -6.50
C MET A 50 10.91 -9.44 -7.67
N TYR A 51 9.59 -9.44 -7.46
CA TYR A 51 8.64 -9.10 -8.50
C TYR A 51 7.63 -8.13 -7.93
N GLY A 52 7.36 -7.06 -8.67
CA GLY A 52 6.51 -5.99 -8.19
C GLY A 52 5.16 -6.03 -8.92
N PHE A 53 4.10 -5.89 -8.15
CA PHE A 53 2.77 -5.82 -8.73
C PHE A 53 2.39 -4.36 -8.80
N GLU A 54 2.10 -3.90 -10.00
CA GLU A 54 1.76 -2.51 -10.23
C GLU A 54 0.26 -2.33 -10.14
N ARG A 55 -0.18 -1.10 -10.37
CA ARG A 55 -1.56 -0.69 -10.16
C ARG A 55 -2.54 -1.50 -11.00
N VAL A 56 -3.72 -1.79 -10.43
CA VAL A 56 -4.90 -2.25 -11.16
C VAL A 56 -6.13 -1.63 -10.50
N GLU A 57 -7.24 -1.68 -11.22
CA GLU A 57 -8.46 -0.98 -10.81
C GLU A 57 -9.39 -1.89 -10.01
N GLY A 58 -10.20 -1.23 -9.18
CA GLY A 58 -11.17 -1.89 -8.35
C GLY A 58 -10.96 -1.58 -6.88
N SER A 59 -11.89 -2.09 -6.08
CA SER A 59 -11.73 -2.17 -4.64
C SER A 59 -10.52 -3.03 -4.29
N ILE A 60 -10.12 -2.99 -3.02
CA ILE A 60 -9.03 -3.85 -2.57
C ILE A 60 -9.33 -5.32 -2.89
N GLU A 61 -10.59 -5.74 -2.71
CA GLU A 61 -10.95 -7.11 -3.05
C GLU A 61 -10.89 -7.33 -4.56
N GLU A 62 -11.32 -6.34 -5.33
CA GLU A 62 -11.29 -6.47 -6.78
C GLU A 62 -9.86 -6.58 -7.30
N ARG A 63 -8.90 -5.93 -6.62
CA ARG A 63 -7.52 -5.94 -7.09
C ARG A 63 -6.84 -7.26 -6.75
N ALA A 64 -7.19 -7.86 -5.60
CA ALA A 64 -6.60 -9.16 -5.25
C ALA A 64 -7.09 -10.25 -6.18
N GLN A 65 -8.32 -10.14 -6.70
CA GLN A 65 -8.81 -11.12 -7.65
C GLN A 65 -8.02 -11.12 -8.95
N GLN A 66 -7.40 -9.98 -9.33
CA GLN A 66 -6.52 -9.96 -10.50
C GLN A 66 -5.10 -10.40 -10.14
N TYR A 67 -4.65 -10.10 -8.93
CA TYR A 67 -3.30 -10.45 -8.54
C TYR A 67 -3.17 -11.93 -8.25
N VAL A 68 -4.14 -12.51 -7.52
CA VAL A 68 -3.97 -13.89 -7.05
C VAL A 68 -3.77 -14.87 -8.20
N PRO A 69 -4.58 -14.87 -9.28
CA PRO A 69 -4.23 -15.73 -10.43
C PRO A 69 -2.81 -15.54 -10.94
N LYS A 70 -2.36 -14.29 -11.07
CA LYS A 70 -1.00 -14.04 -11.55
C LYS A 70 0.03 -14.61 -10.58
N LEU A 71 -0.18 -14.43 -9.27
CA LEU A 71 0.68 -15.06 -8.26
C LEU A 71 0.75 -16.57 -8.46
N ILE A 72 -0.40 -17.20 -8.70
CA ILE A 72 -0.44 -18.65 -8.81
C ILE A 72 0.29 -19.10 -10.06
N GLU A 73 0.14 -18.34 -11.15
CA GLU A 73 0.89 -18.63 -12.36
C GLU A 73 2.38 -18.62 -12.10
N MET A 74 2.86 -17.70 -11.27
CA MET A 74 4.29 -17.55 -11.08
C MET A 74 4.85 -18.48 -10.02
N GLN A 75 4.05 -18.81 -9.00
CA GLN A 75 4.57 -19.52 -7.83
C GLN A 75 3.76 -20.75 -7.44
N GLY A 76 2.70 -21.09 -8.17
CA GLY A 76 1.98 -22.33 -7.89
C GLY A 76 1.48 -22.39 -6.46
N ASP A 77 1.76 -23.52 -5.78
CA ASP A 77 1.26 -23.78 -4.43
C ASP A 77 2.00 -23.03 -3.34
N GLY A 78 3.22 -22.56 -3.61
CA GLY A 78 3.99 -21.85 -2.63
C GLY A 78 5.46 -22.23 -2.62
N PRO A 79 6.18 -21.78 -1.60
CA PRO A 79 5.73 -20.87 -0.54
C PRO A 79 5.69 -19.43 -1.08
N TYR A 80 4.84 -18.61 -0.48
CA TYR A 80 4.58 -17.24 -0.92
C TYR A 80 5.10 -16.29 0.12
N VAL A 81 5.91 -15.34 -0.34
CA VAL A 81 6.40 -14.23 0.47
C VAL A 81 5.78 -12.95 -0.09
N LEU A 82 5.07 -12.21 0.76
CA LEU A 82 4.31 -11.06 0.30
C LEU A 82 4.64 -9.86 1.17
N VAL A 83 5.14 -8.79 0.54
CA VAL A 83 5.70 -7.62 1.22
C VAL A 83 5.11 -6.36 0.63
N GLY A 84 4.68 -5.45 1.50
CA GLY A 84 4.20 -4.17 1.03
C GLY A 84 4.43 -3.00 1.96
N TRP A 85 4.67 -1.83 1.39
CA TRP A 85 4.82 -0.57 2.12
C TRP A 85 3.59 0.28 1.89
N SER A 86 3.04 0.82 2.97
CA SER A 86 1.87 1.68 2.86
C SER A 86 0.73 0.84 2.29
N LEU A 87 -0.06 1.42 1.40
CA LEU A 87 -1.10 0.72 0.66
C LEU A 87 -0.61 -0.62 0.15
N GLY A 88 0.67 -0.68 -0.21
CA GLY A 88 1.26 -1.93 -0.68
C GLY A 88 1.06 -3.09 0.29
N GLY A 89 1.13 -2.82 1.60
CA GLY A 89 0.93 -3.88 2.57
C GLY A 89 -0.53 -4.32 2.64
N VAL A 90 -1.45 -3.37 2.48
CA VAL A 90 -2.86 -3.73 2.42
C VAL A 90 -3.11 -4.66 1.25
N LEU A 91 -2.53 -4.35 0.09
CA LEU A 91 -2.59 -5.25 -1.05
C LEU A 91 -1.93 -6.58 -0.76
N ALA A 92 -0.79 -6.56 -0.05
CA ALA A 92 -0.13 -7.80 0.32
C ALA A 92 -1.02 -8.65 1.20
N TYR A 93 -1.72 -8.02 2.14
CA TYR A 93 -2.57 -8.74 3.08
C TYR A 93 -3.73 -9.39 2.35
N ALA A 94 -4.43 -8.61 1.53
CA ALA A 94 -5.54 -9.18 0.75
C ALA A 94 -5.07 -10.37 -0.05
N CYS A 95 -3.93 -10.27 -0.74
CA CYS A 95 -3.48 -11.43 -1.51
C CYS A 95 -3.17 -12.60 -0.60
N ALA A 96 -2.70 -12.33 0.61
CA ALA A 96 -2.43 -13.41 1.56
C ALA A 96 -3.73 -14.15 1.90
N ILE A 97 -4.78 -13.39 2.26
CA ILE A 97 -6.11 -13.94 2.48
C ILE A 97 -6.55 -14.78 1.29
N GLY A 98 -6.52 -14.18 0.10
CA GLY A 98 -7.03 -14.87 -1.08
C GLY A 98 -6.28 -16.16 -1.37
N LEU A 99 -4.95 -16.14 -1.22
CA LEU A 99 -4.18 -17.34 -1.54
C LEU A 99 -4.48 -18.46 -0.56
N ARG A 100 -4.62 -18.15 0.72
CA ARG A 100 -4.89 -19.18 1.72
C ARG A 100 -6.27 -19.79 1.52
N ARG A 101 -7.25 -18.96 1.18
CA ARG A 101 -8.59 -19.46 0.86
C ARG A 101 -8.57 -20.49 -0.26
N LEU A 102 -7.62 -20.41 -1.17
CA LEU A 102 -7.46 -21.42 -2.20
C LEU A 102 -6.49 -22.50 -1.76
N GLY A 103 -6.13 -22.54 -0.48
CA GLY A 103 -5.32 -23.63 0.02
C GLY A 103 -3.82 -23.50 -0.19
N LYS A 104 -3.36 -22.35 -0.70
CA LYS A 104 -1.96 -22.10 -1.02
C LYS A 104 -1.14 -21.89 0.25
N ASP A 105 0.17 -21.99 0.11
CA ASP A 105 1.11 -21.94 1.23
C ASP A 105 1.75 -20.55 1.31
N VAL A 106 1.26 -19.72 2.23
CA VAL A 106 1.79 -18.39 2.44
C VAL A 106 2.55 -18.43 3.74
N ARG A 107 3.85 -18.16 3.68
CA ARG A 107 4.71 -18.32 4.83
C ARG A 107 5.30 -17.02 5.36
N PHE A 108 5.12 -15.88 4.68
CA PHE A 108 5.57 -14.59 5.20
C PHE A 108 4.76 -13.48 4.56
N VAL A 109 4.25 -12.57 5.38
CA VAL A 109 3.57 -11.35 4.94
C VAL A 109 4.26 -10.21 5.67
N GLY A 110 4.97 -9.35 4.92
CA GLY A 110 5.69 -8.26 5.51
C GLY A 110 5.00 -6.94 5.26
N LEU A 111 4.54 -6.32 6.33
CA LEU A 111 3.86 -5.03 6.26
C LEU A 111 4.86 -3.95 6.69
N ILE A 112 5.14 -3.01 5.78
CA ILE A 112 6.11 -1.96 6.05
C ILE A 112 5.33 -0.70 6.44
N ASP A 113 5.10 -0.54 7.74
CA ASP A 113 4.37 0.59 8.32
C ASP A 113 3.05 0.85 7.60
N ALA A 114 2.38 -0.24 7.21
CA ALA A 114 1.00 -0.24 6.76
C ALA A 114 0.14 -0.15 8.01
N VAL A 115 0.03 1.07 8.54
CA VAL A 115 -0.49 1.29 9.88
C VAL A 115 -1.80 2.06 9.80
N ARG A 116 -2.80 1.57 10.53
CA ARG A 116 -4.10 2.23 10.60
C ARG A 116 -4.01 3.50 11.45
N ALA A 117 -4.89 4.45 11.16
CA ALA A 117 -5.19 5.52 12.10
C ALA A 117 -5.58 4.96 13.47
N GLY A 118 -4.93 5.45 14.53
CA GLY A 118 -5.11 4.93 15.88
C GLY A 118 -6.56 4.69 16.27
N GLU A 119 -7.33 5.77 16.37
CA GLU A 119 -8.77 5.67 16.46
C GLU A 119 -9.38 5.44 15.09
N GLU A 120 -10.56 4.81 15.06
CA GLU A 120 -11.20 4.46 13.81
C GLU A 120 -11.84 5.68 13.13
N ILE A 121 -11.69 5.77 11.82
CA ILE A 121 -12.12 6.92 11.04
C ILE A 121 -13.62 6.87 10.79
N PRO A 122 -14.40 7.86 11.24
CA PRO A 122 -15.84 7.83 10.99
C PRO A 122 -16.13 8.05 9.52
N GLN A 123 -17.26 7.51 9.08
CA GLN A 123 -17.67 7.59 7.69
C GLN A 123 -19.03 8.28 7.57
N THR A 124 -19.29 9.23 8.45
CA THR A 124 -20.54 9.97 8.44
C THR A 124 -20.46 11.08 7.41
N LYS A 125 -21.60 11.76 7.20
CA LYS A 125 -21.62 12.90 6.30
C LYS A 125 -20.62 13.96 6.75
N GLU A 126 -20.69 14.34 8.03
CA GLU A 126 -19.88 15.46 8.51
C GLU A 126 -18.39 15.19 8.37
N GLU A 127 -17.97 13.92 8.53
CA GLU A 127 -16.56 13.61 8.37
C GLU A 127 -16.15 13.51 6.91
N ILE A 128 -17.08 13.11 6.03
CA ILE A 128 -16.83 13.12 4.59
C ILE A 128 -16.52 14.54 4.13
N ARG A 129 -17.46 15.46 4.35
CA ARG A 129 -17.30 16.90 4.13
C ARG A 129 -15.96 17.39 4.67
N LYS A 130 -15.62 16.94 5.87
CA LYS A 130 -14.45 17.47 6.56
C LYS A 130 -13.17 17.03 5.87
N ARG A 131 -13.01 15.72 5.66
CA ARG A 131 -11.81 15.26 4.98
C ARG A 131 -11.74 15.78 3.56
N TRP A 132 -12.89 16.17 2.99
CA TRP A 132 -12.92 16.70 1.63
C TRP A 132 -12.34 18.11 1.58
N ASP A 133 -12.63 18.94 2.59
CA ASP A 133 -12.03 20.25 2.66
C ASP A 133 -10.52 20.15 2.82
N ARG A 134 -10.08 19.20 3.65
CA ARG A 134 -8.64 19.03 3.86
C ARG A 134 -7.95 18.49 2.61
N TYR A 135 -8.69 17.83 1.72
CA TYR A 135 -8.14 17.50 0.41
C TYR A 135 -8.11 18.73 -0.48
N ALA A 136 -9.21 19.47 -0.53
CA ALA A 136 -9.22 20.75 -1.24
C ALA A 136 -8.08 21.65 -0.77
N ALA A 137 -7.83 21.67 0.55
CA ALA A 137 -6.75 22.50 1.10
C ALA A 137 -5.44 22.25 0.39
N PHE A 138 -5.15 20.99 0.03
CA PHE A 138 -3.93 20.68 -0.71
C PHE A 138 -3.93 21.36 -2.08
N ALA A 139 -5.04 21.23 -2.81
CA ALA A 139 -5.10 21.80 -4.14
C ALA A 139 -5.06 23.33 -4.12
N GLU A 140 -5.46 23.96 -3.01
CA GLU A 140 -5.47 25.42 -2.90
C GLU A 140 -4.09 25.99 -2.61
N LYS A 141 -3.19 25.20 -2.03
CA LYS A 141 -1.81 25.62 -1.83
C LYS A 141 -0.89 25.18 -2.97
N THR A 142 -1.08 23.96 -3.48
CA THR A 142 -0.14 23.37 -4.43
C THR A 142 -0.30 23.99 -5.83
N PHE A 143 -1.50 23.87 -6.40
CA PHE A 143 -1.80 24.37 -7.73
C PHE A 143 -2.32 25.81 -7.71
N ASN A 144 -1.83 26.65 -6.80
CA ASN A 144 -2.44 27.94 -6.48
C ASN A 144 -3.93 27.70 -6.27
N VAL A 145 -4.83 28.50 -6.85
CA VAL A 145 -6.28 28.31 -6.81
C VAL A 145 -6.78 28.22 -5.37
N THR A 146 -6.75 29.34 -4.65
CA THR A 146 -7.45 29.41 -3.37
C THR A 146 -8.96 29.61 -3.54
N ILE A 147 -9.44 29.60 -4.79
CA ILE A 147 -10.82 29.93 -5.11
C ILE A 147 -11.62 28.77 -5.70
N PRO A 148 -11.48 27.50 -5.21
CA PRO A 148 -12.51 26.51 -5.56
C PRO A 148 -13.85 26.80 -4.90
N ALA A 149 -14.65 25.75 -4.74
CA ALA A 149 -15.94 25.85 -4.08
C ALA A 149 -16.23 24.51 -3.44
N ILE A 150 -17.00 24.53 -2.36
CA ILE A 150 -17.38 23.31 -1.65
C ILE A 150 -18.80 22.93 -2.08
N PRO A 151 -19.02 21.71 -2.59
CA PRO A 151 -20.39 21.25 -2.81
C PRO A 151 -20.98 20.71 -1.52
N TYR A 152 -22.30 20.62 -1.51
CA TYR A 152 -23.01 20.16 -0.33
C TYR A 152 -23.76 18.85 -0.54
N GLU A 153 -24.24 18.58 -1.75
CA GLU A 153 -24.75 17.27 -2.12
C GLU A 153 -24.15 16.70 -3.39
N GLN A 154 -23.45 17.51 -4.19
CA GLN A 154 -22.77 16.99 -5.37
C GLN A 154 -21.80 15.88 -4.99
N LEU A 155 -21.13 16.02 -3.84
CA LEU A 155 -20.15 15.04 -3.38
C LEU A 155 -20.78 13.65 -3.34
N GLU A 156 -21.98 13.54 -2.78
CA GLU A 156 -22.60 12.25 -2.54
C GLU A 156 -22.84 11.50 -3.86
N GLU A 157 -23.61 12.10 -4.76
CA GLU A 157 -24.11 11.37 -5.91
C GLU A 157 -22.98 10.91 -6.84
N LEU A 158 -21.88 11.66 -6.91
CA LEU A 158 -20.76 11.27 -7.75
C LEU A 158 -20.05 10.05 -7.18
N ASP A 159 -19.41 9.29 -8.06
CA ASP A 159 -18.63 8.13 -7.63
C ASP A 159 -17.15 8.51 -7.54
N ASP A 160 -16.30 7.50 -7.27
CA ASP A 160 -14.87 7.74 -7.12
C ASP A 160 -14.34 8.59 -8.27
N GLU A 161 -14.55 8.14 -9.50
CA GLU A 161 -14.04 8.86 -10.67
C GLU A 161 -14.69 10.23 -10.81
N GLY A 162 -16.00 10.31 -10.63
CA GLY A 162 -16.67 11.59 -10.74
C GLY A 162 -16.14 12.62 -9.77
N GLN A 163 -15.67 12.18 -8.60
CA GLN A 163 -15.22 13.14 -7.60
C GLN A 163 -13.90 13.79 -8.00
N VAL A 164 -12.93 12.98 -8.44
CA VAL A 164 -11.66 13.57 -8.87
C VAL A 164 -11.85 14.30 -10.20
N ARG A 165 -12.78 13.83 -11.02
CA ARG A 165 -13.17 14.56 -12.23
C ARG A 165 -13.79 15.90 -11.88
N PHE A 166 -14.48 15.98 -10.75
CA PHE A 166 -15.13 17.22 -10.33
C PHE A 166 -14.10 18.27 -9.90
N VAL A 167 -12.95 17.84 -9.38
CA VAL A 167 -11.94 18.81 -8.95
C VAL A 167 -11.17 19.34 -10.15
N LEU A 168 -11.04 18.55 -11.23
CA LEU A 168 -10.45 19.07 -12.46
C LEU A 168 -11.28 20.22 -13.01
N ASP A 169 -12.58 19.98 -13.21
CA ASP A 169 -13.48 21.01 -13.68
C ASP A 169 -13.38 22.28 -12.85
N ALA A 170 -12.97 22.16 -11.57
CA ALA A 170 -12.92 23.34 -10.72
C ALA A 170 -11.59 24.07 -10.87
N VAL A 171 -10.48 23.34 -10.86
CA VAL A 171 -9.16 23.99 -10.92
C VAL A 171 -8.90 24.55 -12.31
N SER A 172 -9.28 23.81 -13.35
CA SER A 172 -8.97 24.25 -14.71
C SER A 172 -9.70 25.54 -15.07
N GLN A 173 -10.92 25.74 -14.54
CA GLN A 173 -11.61 26.98 -14.85
C GLN A 173 -11.13 28.17 -14.02
N SER A 174 -10.11 27.97 -13.18
CA SER A 174 -9.42 29.11 -12.60
C SER A 174 -8.44 29.71 -13.58
N GLY A 175 -8.11 28.99 -14.64
CA GLY A 175 -7.07 29.41 -15.56
C GLY A 175 -5.79 28.62 -15.43
N VAL A 176 -5.71 27.69 -14.49
CA VAL A 176 -4.52 26.88 -14.30
C VAL A 176 -4.58 25.67 -15.22
N GLN A 177 -3.49 25.44 -15.96
CA GLN A 177 -3.30 24.21 -16.72
C GLN A 177 -2.47 23.26 -15.89
N ILE A 178 -3.11 22.24 -15.33
CA ILE A 178 -2.36 21.16 -14.69
C ILE A 178 -1.78 20.27 -15.78
N PRO A 179 -0.50 19.93 -15.73
CA PRO A 179 0.05 19.05 -16.75
C PRO A 179 -0.60 17.68 -16.72
N ALA A 180 -0.66 17.05 -17.90
CA ALA A 180 -1.35 15.77 -18.03
C ALA A 180 -0.74 14.72 -17.11
N GLY A 181 0.59 14.65 -17.03
CA GLY A 181 1.23 13.69 -16.15
C GLY A 181 0.94 13.92 -14.67
N ILE A 182 0.72 15.18 -14.27
CA ILE A 182 0.40 15.47 -12.88
C ILE A 182 -1.03 15.09 -12.59
N ILE A 183 -1.92 15.28 -13.57
CA ILE A 183 -3.32 14.94 -13.40
C ILE A 183 -3.48 13.43 -13.21
N GLU A 184 -2.82 12.66 -14.07
CA GLU A 184 -2.82 11.21 -13.95
C GLU A 184 -2.34 10.78 -12.57
N HIS A 185 -1.22 11.35 -12.11
CA HIS A 185 -0.67 10.90 -10.83
C HIS A 185 -1.63 11.21 -9.69
N GLN A 186 -2.16 12.44 -9.62
CA GLN A 186 -3.11 12.77 -8.57
C GLN A 186 -4.34 11.87 -8.63
N ARG A 187 -4.75 11.48 -9.83
CA ARG A 187 -5.97 10.67 -10.00
C ARG A 187 -5.79 9.28 -9.43
N THR A 188 -4.69 8.61 -9.79
CA THR A 188 -4.45 7.27 -9.27
C THR A 188 -4.13 7.29 -7.79
N SER A 189 -3.50 8.35 -7.28
CA SER A 189 -3.33 8.44 -5.83
C SER A 189 -4.68 8.54 -5.14
N TYR A 190 -5.62 9.26 -5.74
CA TYR A 190 -6.95 9.37 -5.16
C TYR A 190 -7.67 8.02 -5.14
N LEU A 191 -7.83 7.40 -6.32
CA LEU A 191 -8.55 6.12 -6.40
C LEU A 191 -7.98 5.11 -5.42
N ASP A 192 -6.66 5.11 -5.26
CA ASP A 192 -6.00 4.09 -4.46
C ASP A 192 -6.20 4.34 -2.96
N ASN A 193 -6.00 5.57 -2.51
CA ASN A 193 -6.29 5.89 -1.11
C ASN A 193 -7.77 5.71 -0.81
N ARG A 194 -8.64 5.94 -1.80
CA ARG A 194 -10.06 5.72 -1.61
C ARG A 194 -10.39 4.24 -1.47
N ALA A 195 -9.64 3.37 -2.15
CA ALA A 195 -9.88 1.94 -2.03
C ALA A 195 -9.53 1.43 -0.63
N ILE A 196 -8.54 2.04 0.03
CA ILE A 196 -8.30 1.73 1.44
C ILE A 196 -9.49 2.15 2.28
N ASP A 197 -10.04 3.36 2.03
CA ASP A 197 -11.18 3.91 2.77
C ASP A 197 -12.27 2.87 2.98
N THR A 198 -12.66 2.21 1.90
CA THR A 198 -13.83 1.34 1.87
C THR A 198 -13.52 -0.12 2.20
N ALA A 199 -12.25 -0.48 2.32
CA ALA A 199 -11.91 -1.89 2.48
C ALA A 199 -12.25 -2.40 3.87
N GLN A 200 -12.69 -3.65 3.91
CA GLN A 200 -12.93 -4.39 5.14
C GLN A 200 -11.81 -5.39 5.34
N ILE A 201 -11.12 -5.33 6.46
CA ILE A 201 -10.09 -6.31 6.76
C ILE A 201 -10.74 -7.61 7.22
N GLN A 202 -10.26 -8.72 6.70
CA GLN A 202 -10.68 -10.01 7.16
C GLN A 202 -9.63 -10.60 8.09
N PRO A 203 -10.02 -11.49 9.01
CA PRO A 203 -9.05 -12.11 9.91
C PRO A 203 -8.11 -13.07 9.16
N TYR A 204 -6.91 -13.21 9.71
CA TYR A 204 -5.86 -14.05 9.13
C TYR A 204 -5.12 -14.77 10.25
N ASP A 205 -4.98 -16.09 10.13
CA ASP A 205 -4.35 -16.87 11.19
C ASP A 205 -2.90 -17.25 10.90
N GLY A 206 -2.30 -16.73 9.84
CA GLY A 206 -0.89 -16.98 9.57
C GLY A 206 0.02 -15.91 10.17
N HIS A 207 1.32 -16.15 10.04
CA HIS A 207 2.29 -15.18 10.53
C HIS A 207 2.28 -13.94 9.66
N VAL A 208 2.25 -12.77 10.32
CA VAL A 208 2.35 -11.47 9.66
C VAL A 208 3.31 -10.63 10.47
N THR A 209 4.28 -9.99 9.80
CA THR A 209 5.21 -9.08 10.45
C THR A 209 4.89 -7.64 10.09
N LEU A 210 4.63 -6.83 11.11
CA LEU A 210 4.45 -5.40 10.96
C LEU A 210 5.77 -4.71 11.31
N TYR A 211 6.32 -3.96 10.35
CA TYR A 211 7.51 -3.14 10.58
C TYR A 211 7.04 -1.75 10.94
N MET A 212 7.14 -1.41 12.20
CA MET A 212 6.42 -0.29 12.79
C MET A 212 7.38 0.90 12.93
N ALA A 213 7.23 1.90 12.07
CA ALA A 213 7.82 3.21 12.28
C ALA A 213 7.08 3.88 13.43
N ASP A 214 7.48 5.09 13.82
CA ASP A 214 6.85 5.64 15.01
C ASP A 214 5.91 6.81 14.73
N ARG A 215 5.83 7.31 13.50
CA ARG A 215 4.85 8.36 13.28
C ARG A 215 4.54 8.50 11.81
N TYR A 216 3.36 9.04 11.51
CA TYR A 216 3.05 9.43 10.15
C TYR A 216 3.64 10.80 9.82
N HIS A 217 4.00 10.97 8.55
CA HIS A 217 4.49 12.25 8.07
C HIS A 217 3.36 13.29 8.08
N ASP A 218 3.74 14.54 7.80
CA ASP A 218 2.89 15.68 8.11
C ASP A 218 1.65 15.74 7.24
N ASP A 219 1.78 15.43 5.95
CA ASP A 219 0.65 15.64 5.05
C ASP A 219 -0.42 14.57 5.20
N ALA A 220 -0.10 13.45 5.86
CA ALA A 220 -1.11 12.46 6.22
C ALA A 220 -2.00 12.97 7.35
N ILE A 221 -1.37 13.54 8.39
CA ILE A 221 -2.11 14.15 9.50
C ILE A 221 -2.93 15.35 9.03
N MET A 222 -2.43 16.06 8.01
CA MET A 222 -3.19 17.17 7.43
C MET A 222 -4.48 16.67 6.81
N PHE A 223 -4.41 15.55 6.09
CA PHE A 223 -5.62 15.00 5.47
C PHE A 223 -6.57 14.44 6.52
N GLU A 224 -6.03 13.65 7.46
CA GLU A 224 -6.83 12.94 8.46
C GLU A 224 -6.04 12.94 9.76
N PRO A 225 -6.40 13.79 10.72
CA PRO A 225 -5.60 13.92 11.94
C PRO A 225 -5.54 12.64 12.78
N ARG A 226 -6.49 11.70 12.61
CA ARG A 226 -6.38 10.46 13.38
C ARG A 226 -5.10 9.70 13.07
N TYR A 227 -4.39 10.04 12.00
CA TYR A 227 -3.08 9.45 11.76
C TYR A 227 -2.02 10.00 12.71
N ALA A 228 -2.37 10.99 13.55
CA ALA A 228 -1.39 11.52 14.51
C ALA A 228 -1.06 10.53 15.61
N VAL A 229 -2.01 9.66 16.00
CA VAL A 229 -1.80 8.61 16.99
C VAL A 229 -1.80 7.26 16.31
N ARG A 230 -0.99 6.35 16.84
CA ARG A 230 -0.87 4.99 16.35
C ARG A 230 -0.98 4.02 17.51
N GLN A 231 -1.58 2.89 17.24
CA GLN A 231 -1.60 1.85 18.25
C GLN A 231 -0.39 0.94 18.07
N PRO A 232 0.03 0.27 19.14
CA PRO A 232 1.27 -0.52 19.05
C PRO A 232 1.20 -1.63 18.04
N ASP A 233 -0.01 -2.12 17.76
CA ASP A 233 -0.31 -3.18 16.81
C ASP A 233 -0.63 -2.68 15.41
N GLY A 234 -0.82 -1.38 15.24
CA GLY A 234 -1.15 -0.82 13.95
C GLY A 234 -2.56 -1.05 13.47
N GLY A 235 -3.50 -1.44 14.34
CA GLY A 235 -4.84 -1.77 13.91
C GLY A 235 -5.03 -3.21 13.49
N TRP A 236 -3.98 -4.02 13.50
CA TRP A 236 -4.01 -5.41 13.06
C TRP A 236 -4.25 -6.42 14.18
N GLY A 237 -4.15 -6.01 15.44
CA GLY A 237 -4.20 -7.00 16.52
C GLY A 237 -5.49 -7.81 16.56
N GLU A 238 -6.61 -7.18 16.23
CA GLU A 238 -7.89 -7.85 16.14
C GLU A 238 -7.93 -8.95 15.08
N TYR A 239 -7.09 -8.86 14.04
CA TYR A 239 -7.28 -9.69 12.86
C TYR A 239 -6.18 -10.71 12.66
N VAL A 240 -5.07 -10.60 13.39
CA VAL A 240 -3.92 -11.46 13.18
C VAL A 240 -3.55 -12.02 14.54
N SER A 241 -3.65 -13.33 14.69
CA SER A 241 -3.29 -13.90 15.97
C SER A 241 -1.78 -13.87 16.14
N ASP A 242 -1.05 -14.27 15.11
CA ASP A 242 0.40 -14.33 15.16
C ASP A 242 1.03 -13.09 14.49
N LEU A 243 0.84 -11.95 15.13
CA LEU A 243 1.37 -10.68 14.65
C LEU A 243 2.70 -10.39 15.34
N GLU A 244 3.72 -10.07 14.53
CA GLU A 244 5.03 -9.69 15.04
C GLU A 244 5.28 -8.24 14.68
N VAL A 245 5.56 -7.41 15.70
CA VAL A 245 5.85 -5.99 15.49
C VAL A 245 7.35 -5.77 15.66
N VAL A 246 7.97 -5.14 14.67
CA VAL A 246 9.39 -4.90 14.67
C VAL A 246 9.59 -3.39 14.61
N PRO A 247 10.29 -2.78 15.59
CA PRO A 247 10.50 -1.33 15.54
C PRO A 247 11.50 -0.96 14.45
N ILE A 248 11.31 0.21 13.82
CA ILE A 248 12.29 0.74 12.86
C ILE A 248 12.41 2.26 12.96
N GLY A 249 11.59 2.90 13.77
CA GLY A 249 11.59 4.35 13.96
C GLY A 249 11.36 5.18 12.72
N GLY A 250 11.33 6.50 12.87
CA GLY A 250 11.25 7.38 11.73
C GLY A 250 9.81 7.66 11.35
N GLU A 251 9.64 8.27 10.18
CA GLU A 251 8.32 8.58 9.66
C GLU A 251 7.97 7.59 8.54
N HIS A 252 6.66 7.31 8.41
CA HIS A 252 6.04 6.41 7.44
C HIS A 252 6.67 6.54 6.06
N ILE A 253 6.93 7.78 5.67
CA ILE A 253 7.46 8.07 4.35
C ILE A 253 8.94 7.67 4.25
N GLN A 254 9.64 7.63 5.39
CA GLN A 254 11.06 7.27 5.39
C GLN A 254 11.30 5.79 5.44
N ALA A 255 10.30 4.99 5.83
CA ALA A 255 10.51 3.59 6.17
C ALA A 255 11.03 2.79 4.99
N ILE A 256 10.73 3.22 3.78
CA ILE A 256 11.11 2.44 2.61
C ILE A 256 12.53 2.72 2.16
N ASP A 257 13.22 3.67 2.81
CA ASP A 257 14.45 4.30 2.32
C ASP A 257 15.63 3.99 3.20
N GLU A 258 16.83 4.14 2.65
CA GLU A 258 18.03 4.14 3.47
C GLU A 258 18.05 5.39 4.35
N PRO A 259 18.51 5.28 5.60
CA PRO A 259 19.01 4.09 6.28
C PRO A 259 17.92 3.20 6.90
N ILE A 260 16.69 3.66 7.13
CA ILE A 260 15.73 2.88 7.94
C ILE A 260 15.50 1.50 7.34
N ILE A 261 15.30 1.42 6.02
CA ILE A 261 15.06 0.17 5.29
C ILE A 261 16.09 -0.88 5.68
N ALA A 262 17.25 -0.45 6.21
CA ALA A 262 18.27 -1.43 6.57
C ALA A 262 17.83 -2.30 7.75
N LYS A 263 17.08 -1.73 8.69
CA LYS A 263 16.52 -2.52 9.79
C LYS A 263 15.43 -3.46 9.30
N VAL A 264 14.58 -2.98 8.37
CA VAL A 264 13.60 -3.84 7.72
C VAL A 264 14.29 -5.04 7.11
N GLY A 265 15.26 -4.79 6.23
CA GLY A 265 15.84 -5.86 5.44
C GLY A 265 16.76 -6.78 6.20
N GLU A 266 17.35 -6.30 7.32
CA GLU A 266 18.13 -7.18 8.19
C GLU A 266 17.22 -8.20 8.83
N HIS A 267 16.17 -7.74 9.50
CA HIS A 267 15.16 -8.67 10.00
C HIS A 267 14.60 -9.50 8.86
N MET A 268 14.23 -8.85 7.75
CA MET A 268 13.56 -9.61 6.70
C MET A 268 14.44 -10.72 6.16
N SER A 269 15.75 -10.46 6.02
CA SER A 269 16.67 -11.55 5.70
C SER A 269 16.68 -12.63 6.79
N ARG A 270 16.24 -12.31 8.02
CA ARG A 270 16.03 -13.29 9.09
C ARG A 270 14.59 -13.79 9.05
N ALA A 271 14.30 -14.55 8.01
CA ALA A 271 12.97 -15.13 7.77
C ALA A 271 13.03 -15.79 6.41
N LEU A 272 13.66 -15.08 5.48
CA LEU A 272 13.98 -15.65 4.19
C LEU A 272 15.04 -16.71 4.34
N GLY A 273 15.86 -16.59 5.38
CA GLY A 273 16.82 -17.63 5.66
C GLY A 273 16.10 -18.81 6.29
N GLN A 274 15.24 -18.50 7.27
CA GLN A 274 14.40 -19.51 7.91
C GLN A 274 13.56 -20.26 6.88
N ILE A 275 12.89 -19.53 5.99
CA ILE A 275 12.09 -20.17 4.95
C ILE A 275 12.96 -21.03 4.05
N GLU A 276 14.02 -20.44 3.49
CA GLU A 276 14.91 -21.20 2.62
C GLU A 276 15.36 -22.49 3.28
N ALA A 277 15.53 -22.46 4.62
CA ALA A 277 15.84 -23.69 5.35
C ALA A 277 14.66 -24.65 5.34
N ASP A 278 13.51 -24.20 5.88
CA ASP A 278 12.31 -25.00 5.98
C ASP A 278 11.79 -25.48 4.62
N ARG A 279 12.54 -25.24 3.55
CA ARG A 279 12.31 -25.94 2.28
C ARG A 279 12.94 -27.33 2.28
N THR A 280 13.07 -27.94 3.47
CA THR A 280 13.67 -29.26 3.63
C THR A 280 13.30 -29.85 5.01
#